data_4Q6M
#
_entry.id   4Q6M
#
_cell.length_a   53.141
_cell.length_b   66.549
_cell.length_c   144.053
_cell.angle_alpha   90.00
_cell.angle_beta   90.00
_cell.angle_gamma   90.00
#
_symmetry.space_group_name_H-M   'P 21 21 21'
#
loop_
_entity.id
_entity.type
_entity.pdbx_description
1 polymer 'Conserved hypothetical secreted protein'
2 non-polymer 'CALCIUM ION'
3 non-polymer GLYCEROL
4 water water
#
_entity_poly.entity_id   1
_entity_poly.type   'polypeptide(L)'
_entity_poly.pdbx_seq_one_letter_code
;MGSSHHHHHHSSGLVPRGSHMIEKAPTNVEDRDKAPHLLLLAGIQGDEPGGFNATNLFLMHYSVLKGLVEVVPVLNKPSM
LRNHRGLYGDMNRKFAALDKNDPEYPTIQEIKSLIAKPSIDAVLHLHDGGGYYRPVYVDAMLNPKRWGNCFIIDQDEVKG
AKFPNLLAFANNTIESINAHLLHPIEEYHLKNTRTAQGDTEMQKALTFYAINQKKSAFANEASKELPLASRVFYHLQAIE
GLLNQLNIPFKRDFDLNPNSVHALINDKNLWAKISSLPKMPLFNLRPKLNHFPLPHNTKIPQIPIESNAYIVGLVKNKQE
VFLKYGNKLMTRLSPFYIEFDPSLEEVKMQIDNKDQMVKIGSVVEVKESFYIHAMDNIRANVIGFSVSNENKPNEAGYTI
KFKDFQKRFSLDKQERIYRIEFYKNNAFSGMILVKFV
;
_entity_poly.pdbx_strand_id   A
#
# COMPACT_ATOMS: atom_id res chain seq x y z
N MET A 21 8.98 0.82 -8.11
CA MET A 21 8.12 1.57 -9.10
C MET A 21 7.13 0.63 -9.83
N ILE A 22 5.87 1.06 -9.87
CA ILE A 22 4.82 0.31 -10.55
C ILE A 22 4.28 1.21 -11.67
N GLU A 23 4.13 0.66 -12.86
CA GLU A 23 3.64 1.41 -14.00
C GLU A 23 2.12 1.37 -14.08
N LYS A 24 1.52 2.53 -14.34
CA LYS A 24 0.13 2.63 -14.74
CA LYS A 24 0.13 2.62 -14.76
C LYS A 24 0.15 3.07 -16.22
N ALA A 25 -0.10 2.11 -17.09
CA ALA A 25 0.16 2.26 -18.52
C ALA A 25 -1.06 1.93 -19.36
N PRO A 26 -1.09 2.42 -20.60
CA PRO A 26 -2.15 2.02 -21.55
C PRO A 26 -2.01 0.54 -21.89
N THR A 27 -3.08 -0.06 -22.35
CA THR A 27 -3.02 -1.46 -22.68
C THR A 27 -2.20 -1.72 -23.92
N ASN A 28 -2.21 -0.77 -24.84
CA ASN A 28 -1.37 -0.82 -26.01
C ASN A 28 -0.07 -0.08 -25.76
N VAL A 29 1.02 -0.81 -25.75
CA VAL A 29 2.35 -0.25 -25.54
C VAL A 29 2.68 0.93 -26.46
N GLU A 30 2.10 0.93 -27.64
CA GLU A 30 2.34 2.04 -28.56
C GLU A 30 1.78 3.39 -28.09
N ASP A 31 0.81 3.33 -27.18
CA ASP A 31 0.21 4.55 -26.66
C ASP A 31 1.04 5.24 -25.58
N ARG A 32 2.08 4.57 -25.10
CA ARG A 32 2.94 5.15 -24.06
C ARG A 32 3.62 6.46 -24.43
N ASP A 33 3.98 6.63 -25.70
CA ASP A 33 4.68 7.85 -26.07
C ASP A 33 3.75 8.93 -26.63
N LYS A 34 2.44 8.72 -26.51
CA LYS A 34 1.47 9.61 -27.17
C LYS A 34 0.97 10.72 -26.24
N ALA A 35 1.39 10.68 -24.97
CA ALA A 35 1.14 11.77 -24.02
C ALA A 35 2.28 11.81 -23.02
N PRO A 36 2.31 12.84 -22.14
CA PRO A 36 3.43 12.95 -21.20
C PRO A 36 3.51 11.81 -20.18
N HIS A 37 4.63 11.78 -19.47
CA HIS A 37 4.85 10.82 -18.40
C HIS A 37 4.99 11.56 -17.07
N LEU A 38 4.24 11.11 -16.09
CA LEU A 38 4.36 11.60 -14.75
C LEU A 38 4.94 10.54 -13.83
N LEU A 39 5.80 10.98 -12.91
CA LEU A 39 6.25 10.18 -11.81
C LEU A 39 5.51 10.66 -10.55
N LEU A 40 4.76 9.74 -9.95
CA LEU A 40 3.92 10.02 -8.79
C LEU A 40 4.47 9.27 -7.59
N LEU A 41 4.75 10.01 -6.50
CA LEU A 41 5.47 9.43 -5.35
C LEU A 41 4.80 9.86 -4.05
N ALA A 42 4.81 8.97 -3.06
CA ALA A 42 4.31 9.30 -1.72
C ALA A 42 5.08 8.54 -0.67
N GLY A 43 4.72 8.82 0.58
CA GLY A 43 5.28 8.06 1.71
C GLY A 43 6.75 8.25 1.97
N ILE A 44 7.29 9.42 1.65
CA ILE A 44 8.69 9.70 2.02
C ILE A 44 8.80 9.83 3.55
N GLN A 45 7.70 10.24 4.18
CA GLN A 45 7.55 10.10 5.64
C GLN A 45 6.55 8.99 5.88
N GLY A 46 6.89 8.10 6.82
CA GLY A 46 6.13 6.86 7.05
C GLY A 46 4.84 7.06 7.83
N ASP A 47 4.61 8.27 8.33
CA ASP A 47 3.42 8.56 9.13
C ASP A 47 2.56 9.59 8.42
N GLU A 48 2.60 9.57 7.09
CA GLU A 48 1.77 10.46 6.28
C GLU A 48 0.87 9.63 5.36
N PRO A 49 -0.12 8.95 5.96
CA PRO A 49 -0.88 7.95 5.20
C PRO A 49 -1.83 8.49 4.11
N GLY A 50 -2.15 9.78 4.13
CA GLY A 50 -2.97 10.29 3.04
C GLY A 50 -2.26 10.04 1.72
N GLY A 51 -0.96 10.37 1.69
CA GLY A 51 -0.19 10.23 0.46
C GLY A 51 -0.14 8.79 -0.05
N PHE A 52 0.25 7.87 0.82
CA PHE A 52 0.41 6.49 0.34
C PHE A 52 -0.89 5.70 0.19
N ASN A 53 -1.96 6.14 0.86
CA ASN A 53 -3.25 5.55 0.53
C ASN A 53 -3.75 6.09 -0.80
N ALA A 54 -3.41 7.34 -1.13
CA ALA A 54 -3.80 7.88 -2.45
C ALA A 54 -3.06 7.15 -3.59
N THR A 55 -1.75 6.97 -3.45
CA THR A 55 -1.01 6.25 -4.47
C THR A 55 -1.52 4.80 -4.56
N ASN A 56 -1.88 4.19 -3.43
CA ASN A 56 -2.49 2.86 -3.46
C ASN A 56 -3.79 2.84 -4.26
N LEU A 57 -4.71 3.76 -3.96
CA LEU A 57 -6.01 3.73 -4.64
C LEU A 57 -5.81 4.06 -6.11
N PHE A 58 -4.83 4.91 -6.42
CA PHE A 58 -4.57 5.23 -7.82
C PHE A 58 -4.15 3.95 -8.58
N LEU A 59 -3.20 3.21 -8.01
CA LEU A 59 -2.75 1.96 -8.62
C LEU A 59 -3.86 0.92 -8.74
N MET A 60 -4.72 0.84 -7.74
CA MET A 60 -5.78 -0.17 -7.75
C MET A 60 -6.96 0.15 -8.68
N HIS A 61 -7.29 1.43 -8.83
CA HIS A 61 -8.62 1.81 -9.32
C HIS A 61 -8.64 2.72 -10.50
N TYR A 62 -7.48 3.22 -10.92
CA TYR A 62 -7.40 4.10 -12.09
C TYR A 62 -6.81 3.40 -13.30
N SER A 63 -7.08 3.98 -14.47
CA SER A 63 -6.50 3.52 -15.73
C SER A 63 -5.91 4.70 -16.46
N VAL A 64 -4.73 4.53 -17.03
CA VAL A 64 -4.12 5.58 -17.85
C VAL A 64 -4.22 5.13 -19.30
N LEU A 65 -4.67 6.04 -20.17
CA LEU A 65 -5.05 5.63 -21.53
C LEU A 65 -4.05 5.99 -22.61
N LYS A 66 -3.27 7.03 -22.37
CA LYS A 66 -2.17 7.43 -23.23
C LYS A 66 -1.09 8.01 -22.33
N GLY A 67 0.17 7.94 -22.73
CA GLY A 67 1.23 8.41 -21.83
C GLY A 67 1.50 7.34 -20.81
N LEU A 68 1.98 7.75 -19.63
CA LEU A 68 2.37 6.79 -18.60
C LEU A 68 2.39 7.51 -17.26
N VAL A 69 1.93 6.82 -16.21
CA VAL A 69 2.19 7.30 -14.85
C VAL A 69 2.98 6.23 -14.12
N GLU A 70 4.22 6.57 -13.76
CA GLU A 70 5.06 5.70 -12.94
C GLU A 70 4.82 6.05 -11.49
N VAL A 71 4.57 5.03 -10.67
CA VAL A 71 4.20 5.29 -9.27
C VAL A 71 5.17 4.59 -8.33
N VAL A 72 5.70 5.34 -7.36
CA VAL A 72 6.34 4.71 -6.21
C VAL A 72 5.38 4.98 -5.06
N PRO A 73 4.55 3.98 -4.70
CA PRO A 73 3.45 4.27 -3.78
C PRO A 73 3.92 4.64 -2.38
N VAL A 74 5.03 4.05 -1.93
CA VAL A 74 5.61 4.40 -0.63
C VAL A 74 7.14 4.43 -0.72
N LEU A 75 7.71 5.63 -0.57
CA LEU A 75 9.15 5.82 -0.70
C LEU A 75 9.94 5.26 0.47
N ASN A 76 9.33 5.26 1.67
CA ASN A 76 10.03 4.89 2.90
C ASN A 76 9.22 3.77 3.58
N LYS A 77 9.29 2.59 2.97
CA LYS A 77 8.46 1.49 3.44
C LYS A 77 8.79 1.02 4.87
N PRO A 78 10.08 0.91 5.22
CA PRO A 78 10.39 0.50 6.61
C PRO A 78 9.75 1.43 7.62
N SER A 79 9.77 2.73 7.34
CA SER A 79 9.17 3.69 8.25
C SER A 79 7.64 3.61 8.27
N MET A 80 7.05 3.40 7.09
CA MET A 80 5.61 3.17 7.05
C MET A 80 5.20 1.98 7.94
N LEU A 81 5.97 0.91 7.92
CA LEU A 81 5.60 -0.31 8.64
C LEU A 81 5.62 -0.08 10.14
N ARG A 82 6.41 0.90 10.59
CA ARG A 82 6.46 1.28 12.00
C ARG A 82 5.72 2.58 12.31
N ASN A 83 4.86 3.04 11.39
CA ASN A 83 4.09 4.28 11.59
C ASN A 83 4.97 5.45 12.05
N HIS A 84 6.08 5.63 11.34
CA HIS A 84 7.16 6.49 11.81
C HIS A 84 7.57 7.45 10.72
N ARG A 85 7.83 8.69 11.12
CA ARG A 85 8.20 9.71 10.15
C ARG A 85 9.48 9.37 9.38
N GLY A 86 10.41 8.62 9.97
CA GLY A 86 11.63 8.28 9.25
C GLY A 86 12.59 7.59 10.19
N LEU A 87 12.65 6.27 10.09
CA LEU A 87 13.53 5.47 10.97
C LEU A 87 15.00 5.80 10.80
N TYR A 88 15.38 6.27 9.63
CA TYR A 88 16.76 6.67 9.36
C TYR A 88 16.91 8.17 9.19
N GLY A 89 16.03 8.95 9.82
CA GLY A 89 16.05 10.39 9.69
C GLY A 89 15.11 10.80 8.55
N ASP A 90 15.13 12.08 8.22
CA ASP A 90 14.24 12.62 7.21
C ASP A 90 14.77 12.26 5.83
N MET A 91 14.13 11.29 5.17
CA MET A 91 14.56 10.85 3.84
C MET A 91 14.45 12.01 2.83
N ASN A 92 13.56 12.96 3.10
CA ASN A 92 13.38 14.10 2.18
C ASN A 92 14.36 15.24 2.43
N ARG A 93 15.42 14.97 3.20
CA ARG A 93 16.54 15.90 3.33
C ARG A 93 17.81 15.25 2.78
N LYS A 94 17.64 14.25 1.92
CA LYS A 94 18.77 13.43 1.46
C LYS A 94 19.07 13.52 -0.04
N PHE A 95 18.51 14.54 -0.72
CA PHE A 95 18.66 14.67 -2.17
C PHE A 95 19.80 15.55 -2.64
N ALA A 96 20.49 16.18 -1.70
CA ALA A 96 21.68 16.97 -1.98
C ALA A 96 22.90 16.22 -1.45
N ALA A 97 23.67 16.86 -0.60
CA ALA A 97 24.79 16.19 0.05
C ALA A 97 24.31 14.94 0.80
N LEU A 98 24.97 13.83 0.57
CA LEU A 98 24.63 12.59 1.29
C LEU A 98 25.81 11.63 1.41
N ASP A 99 26.10 11.25 2.65
CA ASP A 99 27.11 10.25 2.98
C ASP A 99 26.85 8.94 2.25
N LYS A 100 27.86 8.42 1.55
CA LYS A 100 27.73 7.15 0.85
C LYS A 100 27.33 5.99 1.76
N ASN A 101 27.62 6.12 3.06
N ASN A 101 27.64 6.14 3.05
CA ASN A 101 27.28 5.07 4.01
CA ASN A 101 27.31 5.14 4.06
C ASN A 101 25.93 5.26 4.70
C ASN A 101 26.04 5.47 4.86
N ASP A 102 25.15 6.27 4.27
CA ASP A 102 23.82 6.50 4.86
C ASP A 102 22.97 5.28 4.55
N PRO A 103 22.21 4.76 5.52
CA PRO A 103 21.44 3.55 5.21
C PRO A 103 20.45 3.71 4.06
N GLU A 104 19.99 4.93 3.80
CA GLU A 104 19.06 5.16 2.69
C GLU A 104 19.74 5.59 1.39
N TYR A 105 21.07 5.60 1.38
CA TYR A 105 21.79 5.99 0.16
C TYR A 105 21.37 5.18 -1.09
N PRO A 106 21.32 3.82 -1.01
CA PRO A 106 20.89 3.06 -2.19
C PRO A 106 19.48 3.43 -2.67
N THR A 107 18.56 3.62 -1.73
CA THR A 107 17.17 3.99 -2.04
C THR A 107 17.13 5.34 -2.74
N ILE A 108 17.90 6.28 -2.21
CA ILE A 108 17.95 7.64 -2.75
C ILE A 108 18.45 7.60 -4.18
N GLN A 109 19.45 6.77 -4.47
CA GLN A 109 19.93 6.69 -5.85
C GLN A 109 18.90 6.13 -6.81
N GLU A 110 18.16 5.10 -6.38
CA GLU A 110 17.07 4.52 -7.16
C GLU A 110 16.03 5.62 -7.48
N ILE A 111 15.67 6.43 -6.48
CA ILE A 111 14.67 7.47 -6.68
C ILE A 111 15.18 8.59 -7.61
N LYS A 112 16.40 9.05 -7.39
CA LYS A 112 16.99 10.05 -8.27
C LYS A 112 17.09 9.55 -9.72
N SER A 113 17.39 8.27 -9.89
CA SER A 113 17.46 7.72 -11.25
C SER A 113 16.11 7.71 -11.92
N LEU A 114 15.04 7.42 -11.17
CA LEU A 114 13.68 7.51 -11.73
C LEU A 114 13.33 8.94 -12.12
N ILE A 115 13.62 9.87 -11.21
CA ILE A 115 13.33 11.28 -11.43
C ILE A 115 14.01 11.82 -12.68
N ALA A 116 15.25 11.41 -12.89
CA ALA A 116 16.08 12.03 -13.92
C ALA A 116 16.00 11.28 -15.26
N LYS A 117 15.15 10.26 -15.37
CA LYS A 117 14.98 9.54 -16.64
C LYS A 117 14.51 10.50 -17.73
N PRO A 118 15.10 10.44 -18.92
CA PRO A 118 14.60 11.29 -20.01
C PRO A 118 13.12 11.13 -20.33
N SER A 119 12.57 9.94 -20.11
CA SER A 119 11.16 9.68 -20.44
C SER A 119 10.20 10.34 -19.45
N ILE A 120 10.69 10.76 -18.29
CA ILE A 120 9.83 11.46 -17.31
C ILE A 120 9.73 12.95 -17.64
N ASP A 121 8.52 13.50 -17.56
CA ASP A 121 8.32 14.92 -17.82
C ASP A 121 8.05 15.68 -16.52
N ALA A 122 7.18 15.10 -15.70
CA ALA A 122 6.68 15.78 -14.51
C ALA A 122 6.76 14.87 -13.30
N VAL A 123 6.84 15.48 -12.13
CA VAL A 123 6.94 14.75 -10.85
C VAL A 123 5.91 15.34 -9.89
N LEU A 124 5.14 14.47 -9.24
CA LEU A 124 4.19 14.90 -8.21
C LEU A 124 4.46 14.13 -6.93
N HIS A 125 4.73 14.87 -5.85
CA HIS A 125 5.16 14.25 -4.60
C HIS A 125 4.13 14.58 -3.54
N LEU A 126 3.50 13.54 -2.97
CA LEU A 126 2.41 13.73 -2.00
C LEU A 126 2.88 13.67 -0.55
N HIS A 127 2.34 14.59 0.26
CA HIS A 127 2.68 14.72 1.69
C HIS A 127 1.42 14.97 2.47
N ASP A 128 1.46 14.63 3.76
CA ASP A 128 0.41 15.13 4.68
C ASP A 128 1.10 16.12 5.63
N GLY A 129 0.44 17.24 5.92
CA GLY A 129 1.10 18.37 6.62
C GLY A 129 0.18 19.02 7.65
N GLY A 130 0.76 19.51 8.73
CA GLY A 130 -0.06 20.08 9.82
C GLY A 130 -0.79 21.36 9.47
N GLY A 131 -1.93 21.55 10.11
CA GLY A 131 -2.68 22.80 9.99
C GLY A 131 -3.15 23.07 8.57
N TYR A 132 -3.28 24.34 8.23
CA TYR A 132 -3.68 24.74 6.88
C TYR A 132 -2.83 25.91 6.48
N TYR A 133 -2.02 25.74 5.43
CA TYR A 133 -1.24 26.84 4.91
C TYR A 133 -2.12 28.05 4.53
N ARG A 134 -1.68 29.25 4.89
CA ARG A 134 -2.28 30.46 4.34
C ARG A 134 -1.13 31.40 4.00
N PRO A 135 -1.27 32.21 2.95
CA PRO A 135 -0.15 33.10 2.58
C PRO A 135 -0.04 34.35 3.45
N VAL A 136 -0.99 34.56 4.35
CA VAL A 136 -0.87 35.60 5.39
C VAL A 136 -1.23 34.95 6.73
N TYR A 137 -0.62 35.42 7.80
CA TYR A 137 -0.89 34.89 9.14
C TYR A 137 -2.35 35.17 9.50
N VAL A 138 -3.10 34.11 9.77
CA VAL A 138 -4.50 34.23 10.21
C VAL A 138 -4.56 33.87 11.70
N ASP A 139 -4.12 32.65 12.03
CA ASP A 139 -3.90 32.25 13.43
C ASP A 139 -2.90 31.09 13.53
N ALA A 140 -2.80 30.45 14.69
CA ALA A 140 -1.79 29.39 14.92
C ALA A 140 -1.98 28.18 14.02
N MET A 141 -3.22 27.97 13.60
CA MET A 141 -3.58 26.83 12.77
C MET A 141 -3.51 27.15 11.27
N LEU A 142 -3.69 28.43 10.94
CA LEU A 142 -3.78 28.90 9.56
C LEU A 142 -2.79 30.04 9.31
N ASN A 143 -1.62 29.69 8.77
CA ASN A 143 -0.59 30.70 8.58
C ASN A 143 0.48 30.22 7.59
N PRO A 144 1.39 31.11 7.16
CA PRO A 144 2.35 30.75 6.09
C PRO A 144 3.34 29.65 6.46
N LYS A 145 3.48 29.35 7.74
CA LYS A 145 4.39 28.33 8.24
C LYS A 145 3.75 26.94 8.33
N ARG A 146 2.43 26.88 8.19
CA ARG A 146 1.74 25.59 8.19
C ARG A 146 1.79 25.00 6.79
N TRP A 147 1.45 23.71 6.70
CA TRP A 147 1.63 22.99 5.44
C TRP A 147 0.40 22.37 4.84
N GLY A 148 -0.68 22.22 5.61
CA GLY A 148 -1.84 21.54 5.06
C GLY A 148 -2.54 22.21 3.90
N ASN A 149 -3.04 21.37 3.00
CA ASN A 149 -3.87 21.80 1.86
C ASN A 149 -3.29 22.91 1.03
N CYS A 150 -2.08 22.67 0.54
CA CYS A 150 -1.53 23.58 -0.42
C CYS A 150 -0.82 22.78 -1.51
N PHE A 151 -0.61 23.45 -2.63
CA PHE A 151 0.05 22.86 -3.78
C PHE A 151 1.30 23.68 -4.01
N ILE A 152 2.43 22.98 -4.05
CA ILE A 152 3.73 23.62 -3.82
C ILE A 152 4.61 23.54 -5.04
N ILE A 153 5.22 24.67 -5.41
CA ILE A 153 6.29 24.67 -6.42
C ILE A 153 7.56 25.29 -5.83
N ASP A 154 8.71 24.91 -6.38
CA ASP A 154 10.00 25.45 -5.93
C ASP A 154 10.32 26.82 -6.53
N GLN A 155 9.73 27.10 -7.68
CA GLN A 155 9.89 28.37 -8.43
C GLN A 155 8.84 28.39 -9.53
N ASP A 156 8.63 29.54 -10.16
CA ASP A 156 7.52 29.66 -11.11
C ASP A 156 7.78 29.06 -12.49
N GLU A 157 9.04 28.90 -12.86
CA GLU A 157 9.38 28.47 -14.22
C GLU A 157 10.59 27.57 -14.14
N VAL A 158 10.62 26.51 -14.95
CA VAL A 158 11.82 25.70 -15.10
C VAL A 158 12.17 25.69 -16.58
N LYS A 159 13.12 26.55 -16.95
CA LYS A 159 13.55 26.64 -18.35
C LYS A 159 14.07 25.27 -18.83
N GLY A 160 13.67 24.87 -20.03
CA GLY A 160 14.16 23.60 -20.54
C GLY A 160 13.34 22.36 -20.22
N ALA A 161 12.34 22.49 -19.34
CA ALA A 161 11.40 21.39 -19.13
C ALA A 161 10.40 21.32 -20.28
N LYS A 162 9.78 20.16 -20.51
CA LYS A 162 8.72 20.02 -21.51
C LYS A 162 7.60 21.02 -21.22
N PHE A 163 7.31 21.22 -19.93
CA PHE A 163 6.27 22.15 -19.46
C PHE A 163 6.91 23.13 -18.46
N PRO A 164 7.52 24.22 -18.97
CA PRO A 164 8.31 25.09 -18.10
C PRO A 164 7.46 25.96 -17.16
N ASN A 165 6.18 26.13 -17.45
CA ASN A 165 5.37 27.06 -16.67
C ASN A 165 4.75 26.37 -15.48
N LEU A 166 5.55 26.19 -14.44
CA LEU A 166 5.09 25.48 -13.25
C LEU A 166 3.98 26.26 -12.59
N LEU A 167 4.10 27.60 -12.59
CA LEU A 167 3.06 28.44 -11.97
C LEU A 167 1.69 28.27 -12.63
N ALA A 168 1.61 28.28 -13.96
CA ALA A 168 0.34 28.12 -14.63
C ALA A 168 -0.26 26.75 -14.32
N PHE A 169 0.58 25.72 -14.41
CA PHE A 169 0.15 24.38 -14.07
C PHE A 169 -0.37 24.30 -12.65
N ALA A 170 0.36 24.91 -11.72
CA ALA A 170 -0.06 24.88 -10.30
C ALA A 170 -1.39 25.62 -10.11
N ASN A 171 -1.49 26.80 -10.69
CA ASN A 171 -2.73 27.58 -10.51
C ASN A 171 -3.92 26.84 -11.09
N ASN A 172 -3.74 26.17 -12.22
CA ASN A 172 -4.84 25.44 -12.83
C ASN A 172 -5.20 24.16 -12.06
N THR A 173 -4.21 23.52 -11.46
CA THR A 173 -4.45 22.33 -10.62
C THR A 173 -5.24 22.74 -9.37
N ILE A 174 -4.83 23.86 -8.76
CA ILE A 174 -5.51 24.42 -7.60
C ILE A 174 -6.97 24.77 -7.93
N GLU A 175 -7.24 25.30 -9.13
CA GLU A 175 -8.64 25.51 -9.57
C GLU A 175 -9.45 24.24 -9.51
N SER A 176 -8.88 23.16 -10.04
N SER A 176 -8.86 23.15 -10.01
CA SER A 176 -9.57 21.89 -10.07
CA SER A 176 -9.52 21.87 -10.08
C SER A 176 -9.90 21.44 -8.65
C SER A 176 -9.82 21.28 -8.71
N ILE A 177 -8.90 21.45 -7.77
CA ILE A 177 -9.11 21.01 -6.39
C ILE A 177 -10.21 21.84 -5.73
N ASN A 178 -10.12 23.16 -5.92
CA ASN A 178 -11.01 24.09 -5.22
C ASN A 178 -12.45 24.04 -5.72
N ALA A 179 -12.68 23.38 -6.86
CA ALA A 179 -14.05 23.12 -7.32
C ALA A 179 -14.77 22.01 -6.53
N HIS A 180 -14.03 21.36 -5.63
CA HIS A 180 -14.54 20.19 -4.90
C HIS A 180 -14.34 20.25 -3.41
N LEU A 181 -14.27 21.43 -2.83
CA LEU A 181 -14.01 21.54 -1.38
C LEU A 181 -15.16 20.98 -0.53
N LEU A 182 -14.78 20.22 0.48
CA LEU A 182 -15.72 19.66 1.43
C LEU A 182 -16.16 20.71 2.46
N HIS A 183 -15.26 21.61 2.81
CA HIS A 183 -15.53 22.72 3.75
C HIS A 183 -14.62 23.84 3.34
N PRO A 184 -15.07 25.09 3.47
CA PRO A 184 -14.28 26.26 3.04
C PRO A 184 -12.87 26.36 3.66
N ILE A 185 -12.67 25.81 4.86
CA ILE A 185 -11.38 25.95 5.51
C ILE A 185 -10.33 25.17 4.74
N GLU A 186 -10.81 24.21 3.96
CA GLU A 186 -9.92 23.31 3.22
C GLU A 186 -9.41 23.89 1.88
N GLU A 187 -9.81 25.12 1.57
CA GLU A 187 -9.39 25.81 0.32
C GLU A 187 -7.89 25.70 0.08
N TYR A 188 -7.51 25.26 -1.12
CA TYR A 188 -6.11 25.16 -1.47
C TYR A 188 -5.55 26.50 -1.92
N HIS A 189 -4.29 26.73 -1.57
CA HIS A 189 -3.49 27.89 -1.99
C HIS A 189 -2.17 27.48 -2.58
N LEU A 190 -1.68 28.29 -3.51
CA LEU A 190 -0.33 28.13 -4.03
C LEU A 190 0.72 28.46 -2.98
N LYS A 191 1.74 27.60 -2.86
CA LYS A 191 2.89 27.95 -2.07
C LYS A 191 4.10 27.80 -2.96
N ASN A 192 4.79 28.92 -3.20
CA ASN A 192 6.04 28.91 -3.97
C ASN A 192 7.16 29.13 -2.98
N THR A 193 7.95 28.10 -2.76
CA THR A 193 8.98 28.11 -1.71
C THR A 193 10.27 28.84 -2.12
N ARG A 194 10.33 29.27 -3.39
CA ARG A 194 11.50 29.99 -3.92
C ARG A 194 12.81 29.35 -3.46
N THR A 195 12.91 28.05 -3.68
CA THR A 195 13.92 27.22 -3.03
C THR A 195 15.35 27.64 -3.36
N ALA A 196 15.58 28.02 -4.61
CA ALA A 196 16.93 28.35 -5.06
C ALA A 196 17.46 29.62 -4.39
N GLN A 197 16.56 30.50 -3.93
CA GLN A 197 16.95 31.74 -3.25
C GLN A 197 17.16 31.56 -1.74
N GLY A 198 16.71 30.42 -1.21
CA GLY A 198 16.76 30.16 0.22
C GLY A 198 18.07 29.56 0.68
N ASP A 199 18.13 29.22 1.96
CA ASP A 199 19.32 28.63 2.57
C ASP A 199 19.62 27.22 2.05
N THR A 200 20.90 26.86 2.04
CA THR A 200 21.40 25.51 1.72
C THR A 200 20.55 24.39 2.35
N GLU A 201 20.10 24.62 3.59
CA GLU A 201 19.36 23.61 4.35
C GLU A 201 17.93 23.41 3.83
N MET A 202 17.47 24.31 2.99
CA MET A 202 16.13 24.25 2.41
C MET A 202 16.12 23.61 1.02
N GLN A 203 17.28 23.14 0.56
CA GLN A 203 17.47 22.72 -0.82
C GLN A 203 17.76 21.23 -0.95
N LYS A 204 17.34 20.46 0.06
CA LYS A 204 17.74 19.06 0.19
C LYS A 204 16.61 18.08 -0.17
N ALA A 205 15.51 18.63 -0.71
CA ALA A 205 14.30 17.84 -0.89
C ALA A 205 14.11 17.34 -2.32
N LEU A 206 13.12 16.46 -2.46
CA LEU A 206 12.91 15.74 -3.70
C LEU A 206 12.53 16.65 -4.87
N THR A 207 11.58 17.55 -4.68
CA THR A 207 11.13 18.33 -5.85
C THR A 207 12.20 19.26 -6.36
N PHE A 208 13.07 19.77 -5.48
CA PHE A 208 14.13 20.66 -5.94
C PHE A 208 15.13 19.87 -6.76
N TYR A 209 15.44 18.65 -6.32
CA TYR A 209 16.29 17.79 -7.16
C TYR A 209 15.65 17.66 -8.55
N ALA A 210 14.36 17.40 -8.59
CA ALA A 210 13.66 17.19 -9.86
C ALA A 210 13.73 18.40 -10.77
N ILE A 211 13.55 19.61 -10.23
CA ILE A 211 13.60 20.77 -11.11
C ILE A 211 15.02 20.99 -11.66
N ASN A 212 16.02 20.58 -10.89
CA ASN A 212 17.41 20.65 -11.36
C ASN A 212 17.71 19.66 -12.46
N GLN A 213 16.82 18.70 -12.71
CA GLN A 213 16.93 17.83 -13.89
C GLN A 213 15.98 18.26 -15.00
N LYS A 214 15.50 19.51 -14.91
CA LYS A 214 14.57 20.08 -15.89
C LYS A 214 13.27 19.30 -16.00
N LYS A 215 12.80 18.78 -14.85
CA LYS A 215 11.45 18.22 -14.79
C LYS A 215 10.53 19.30 -14.19
N SER A 216 9.27 19.30 -14.60
CA SER A 216 8.28 20.09 -13.85
C SER A 216 7.93 19.29 -12.60
N ALA A 217 8.01 19.91 -11.44
CA ALA A 217 7.85 19.17 -10.19
C ALA A 217 6.92 19.92 -9.26
N PHE A 218 6.09 19.15 -8.56
CA PHE A 218 5.06 19.73 -7.69
C PHE A 218 4.95 18.86 -6.45
N ALA A 219 4.61 19.46 -5.32
CA ALA A 219 4.25 18.67 -4.16
C ALA A 219 2.83 19.01 -3.76
N ASN A 220 2.07 18.01 -3.37
CA ASN A 220 0.74 18.27 -2.84
C ASN A 220 0.72 17.92 -1.38
N GLU A 221 0.27 18.86 -0.54
CA GLU A 221 0.05 18.61 0.88
C GLU A 221 -1.43 18.45 1.20
N ALA A 222 -1.79 17.39 1.91
CA ALA A 222 -3.14 17.30 2.48
C ALA A 222 -3.03 17.50 3.98
N SER A 223 -3.98 18.23 4.55
CA SER A 223 -3.88 18.55 5.98
C SER A 223 -4.01 17.33 6.91
N LYS A 224 -3.09 17.21 7.87
CA LYS A 224 -3.16 16.18 8.90
C LYS A 224 -4.36 16.39 9.82
N GLU A 225 -4.94 17.57 9.78
CA GLU A 225 -6.18 17.81 10.54
C GLU A 225 -7.39 17.06 9.99
N LEU A 226 -7.31 16.57 8.76
CA LEU A 226 -8.41 15.84 8.13
C LEU A 226 -8.37 14.36 8.46
N PRO A 227 -9.54 13.74 8.53
CA PRO A 227 -9.59 12.27 8.55
C PRO A 227 -8.93 11.67 7.29
N LEU A 228 -8.48 10.43 7.41
CA LEU A 228 -7.72 9.78 6.32
C LEU A 228 -8.45 9.86 4.97
N ALA A 229 -9.73 9.53 4.96
CA ALA A 229 -10.48 9.50 3.69
C ALA A 229 -10.51 10.88 3.03
N SER A 230 -10.57 11.95 3.83
CA SER A 230 -10.57 13.30 3.27
C SER A 230 -9.18 13.71 2.79
N ARG A 231 -8.13 13.30 3.51
CA ARG A 231 -6.77 13.52 3.01
C ARG A 231 -6.60 12.88 1.65
N VAL A 232 -7.02 11.63 1.56
CA VAL A 232 -6.86 10.88 0.31
C VAL A 232 -7.69 11.53 -0.80
N PHE A 233 -8.91 11.96 -0.48
CA PHE A 233 -9.76 12.71 -1.40
C PHE A 233 -8.99 13.89 -2.03
N TYR A 234 -8.34 14.70 -1.19
CA TYR A 234 -7.64 15.87 -1.72
C TYR A 234 -6.41 15.48 -2.54
N HIS A 235 -5.68 14.46 -2.10
CA HIS A 235 -4.58 13.96 -2.94
C HIS A 235 -5.06 13.52 -4.28
N LEU A 236 -6.18 12.80 -4.32
CA LEU A 236 -6.70 12.31 -5.61
C LEU A 236 -7.14 13.49 -6.48
N GLN A 237 -7.75 14.51 -5.87
CA GLN A 237 -8.11 15.71 -6.63
C GLN A 237 -6.89 16.37 -7.24
N ALA A 238 -5.79 16.44 -6.50
CA ALA A 238 -4.54 17.04 -7.02
C ALA A 238 -3.98 16.19 -8.16
N ILE A 239 -3.96 14.88 -7.99
CA ILE A 239 -3.49 13.98 -9.06
C ILE A 239 -4.34 14.21 -10.32
N GLU A 240 -5.65 14.22 -10.17
CA GLU A 240 -6.53 14.42 -11.34
C GLU A 240 -6.35 15.79 -11.99
N GLY A 241 -6.21 16.82 -11.15
CA GLY A 241 -5.99 18.18 -11.65
C GLY A 241 -4.72 18.24 -12.47
N LEU A 242 -3.63 17.67 -11.96
CA LEU A 242 -2.37 17.70 -12.70
C LEU A 242 -2.42 16.85 -13.97
N LEU A 243 -3.03 15.67 -13.91
CA LEU A 243 -3.13 14.83 -15.11
C LEU A 243 -3.91 15.58 -16.18
N ASN A 244 -4.94 16.31 -15.76
CA ASN A 244 -5.68 17.13 -16.74
C ASN A 244 -4.81 18.21 -17.37
N GLN A 245 -3.96 18.87 -16.58
CA GLN A 245 -3.04 19.88 -17.12
C GLN A 245 -2.02 19.28 -18.07
N LEU A 246 -1.57 18.07 -17.77
CA LEU A 246 -0.57 17.39 -18.60
C LEU A 246 -1.20 16.74 -19.82
N ASN A 247 -2.51 16.70 -19.87
CA ASN A 247 -3.25 16.01 -20.94
C ASN A 247 -2.90 14.50 -20.98
N ILE A 248 -2.75 13.91 -19.79
CA ILE A 248 -2.64 12.47 -19.68
C ILE A 248 -4.07 11.97 -19.42
N PRO A 249 -4.70 11.31 -20.42
CA PRO A 249 -6.08 10.87 -20.23
C PRO A 249 -6.16 9.67 -19.28
N PHE A 250 -7.17 9.68 -18.43
CA PHE A 250 -7.33 8.60 -17.44
C PHE A 250 -8.79 8.38 -17.10
N LYS A 251 -9.05 7.22 -16.50
CA LYS A 251 -10.34 6.90 -15.93
C LYS A 251 -10.16 6.39 -14.52
N ARG A 252 -11.25 6.44 -13.75
CA ARG A 252 -11.31 5.68 -12.52
C ARG A 252 -12.62 4.95 -12.42
N ASP A 253 -12.65 3.91 -11.60
CA ASP A 253 -13.80 3.01 -11.54
C ASP A 253 -14.76 3.30 -10.39
N PHE A 254 -14.66 4.49 -9.81
CA PHE A 254 -15.49 4.86 -8.66
C PHE A 254 -15.79 6.36 -8.68
N ASP A 255 -16.77 6.79 -7.88
CA ASP A 255 -17.04 8.21 -7.72
C ASP A 255 -16.17 8.82 -6.63
N LEU A 256 -15.57 9.96 -6.92
CA LEU A 256 -14.62 10.59 -6.01
C LEU A 256 -15.34 11.50 -5.01
N ASN A 257 -15.68 10.91 -3.87
CA ASN A 257 -16.24 11.61 -2.73
C ASN A 257 -15.71 10.91 -1.48
N PRO A 258 -15.77 11.57 -0.31
CA PRO A 258 -15.15 10.92 0.85
C PRO A 258 -15.72 9.55 1.21
N ASN A 259 -17.03 9.37 1.06
CA ASN A 259 -17.61 8.05 1.34
C ASN A 259 -17.07 6.97 0.43
N SER A 260 -16.85 7.27 -0.69
CA SER A 260 -16.43 6.33 -1.74
C SER A 260 -14.93 6.02 -1.57
N VAL A 261 -14.21 7.03 -1.22
CA VAL A 261 -12.81 6.83 -0.86
C VAL A 261 -12.69 5.95 0.39
N HIS A 262 -13.49 6.25 1.41
CA HIS A 262 -13.48 5.45 2.62
C HIS A 262 -13.77 4.00 2.34
N ALA A 263 -14.74 3.76 1.46
CA ALA A 263 -15.16 2.39 1.13
C ALA A 263 -14.04 1.62 0.47
N LEU A 264 -13.25 2.30 -0.36
CA LEU A 264 -12.15 1.64 -1.06
C LEU A 264 -10.93 1.44 -0.16
N ILE A 265 -10.67 2.37 0.75
CA ILE A 265 -9.59 2.17 1.73
C ILE A 265 -9.92 0.94 2.57
N ASN A 266 -11.19 0.87 2.98
CA ASN A 266 -11.66 -0.16 3.87
C ASN A 266 -12.40 -1.27 3.14
N ASP A 267 -11.84 -1.70 2.01
CA ASP A 267 -12.49 -2.65 1.11
C ASP A 267 -12.42 -4.08 1.65
N LYS A 268 -13.57 -4.72 1.84
CA LYS A 268 -13.60 -6.11 2.32
C LYS A 268 -12.99 -7.09 1.32
N ASN A 269 -12.81 -6.66 0.08
CA ASN A 269 -12.22 -7.51 -0.96
C ASN A 269 -10.69 -7.43 -0.98
N LEU A 270 -10.11 -6.62 -0.12
CA LEU A 270 -8.67 -6.60 0.00
C LEU A 270 -8.15 -7.86 0.68
N TRP A 271 -7.03 -8.37 0.17
CA TRP A 271 -6.44 -9.61 0.68
C TRP A 271 -4.93 -9.50 0.74
N ALA A 272 -4.32 -10.39 1.53
CA ALA A 272 -2.88 -10.56 1.52
C ALA A 272 -2.56 -12.04 1.45
N LYS A 273 -1.48 -12.36 0.77
CA LYS A 273 -1.02 -13.74 0.67
C LYS A 273 0.41 -13.80 1.16
N ILE A 274 0.62 -14.50 2.28
CA ILE A 274 1.94 -14.61 2.87
C ILE A 274 2.58 -15.91 2.40
N SER A 275 3.77 -15.83 1.80
CA SER A 275 4.49 -17.02 1.33
C SER A 275 3.52 -17.84 0.45
N SER A 276 3.50 -19.16 0.63
CA SER A 276 2.64 -20.04 -0.17
C SER A 276 1.29 -20.31 0.51
N LEU A 277 0.98 -19.55 1.57
CA LEU A 277 -0.29 -19.73 2.28
C LEU A 277 -1.45 -19.19 1.44
N PRO A 278 -2.70 -19.56 1.77
CA PRO A 278 -3.84 -19.02 1.02
C PRO A 278 -4.01 -17.50 1.20
N LYS A 279 -4.66 -16.86 0.24
CA LYS A 279 -5.08 -15.46 0.40
C LYS A 279 -5.96 -15.32 1.64
N MET A 280 -5.71 -14.27 2.42
CA MET A 280 -6.49 -14.00 3.64
C MET A 280 -7.09 -12.62 3.53
N PRO A 281 -8.32 -12.42 4.00
CA PRO A 281 -8.88 -11.05 3.94
C PRO A 281 -8.05 -10.10 4.83
N LEU A 282 -7.86 -8.85 4.40
CA LEU A 282 -7.11 -7.92 5.24
C LEU A 282 -7.91 -7.45 6.43
N PHE A 283 -9.16 -7.09 6.17
CA PHE A 283 -10.02 -6.53 7.19
C PHE A 283 -10.77 -7.62 7.93
N ASN A 284 -11.11 -7.32 9.17
CA ASN A 284 -11.85 -8.25 10.06
C ASN A 284 -11.18 -9.61 10.35
N LEU A 285 -9.86 -9.64 10.25
CA LEU A 285 -9.10 -10.73 10.85
C LEU A 285 -9.19 -10.55 12.34
N ARG A 286 -9.09 -11.65 13.08
CA ARG A 286 -8.87 -11.54 14.52
C ARG A 286 -7.59 -10.76 14.76
N PRO A 287 -7.51 -9.98 15.84
CA PRO A 287 -6.31 -9.16 16.07
C PRO A 287 -5.04 -9.96 16.37
N LYS A 288 -5.20 -11.23 16.76
CA LYS A 288 -4.06 -12.12 16.91
C LYS A 288 -4.32 -13.50 16.33
N LEU A 289 -3.36 -13.99 15.57
CA LEU A 289 -3.44 -15.32 14.97
C LEU A 289 -2.29 -16.16 15.52
N ASN A 290 -2.63 -17.25 16.21
CA ASN A 290 -1.62 -18.03 16.94
C ASN A 290 -1.09 -19.23 16.16
N HIS A 291 0.09 -19.70 16.57
CA HIS A 291 0.77 -20.84 15.96
C HIS A 291 0.75 -20.73 14.47
N PHE A 292 1.14 -19.56 13.97
CA PHE A 292 0.97 -19.24 12.57
C PHE A 292 2.23 -19.65 11.79
N PRO A 293 2.10 -20.60 10.84
CA PRO A 293 3.31 -21.10 10.15
C PRO A 293 4.01 -20.05 9.26
N LEU A 294 5.31 -19.87 9.48
CA LEU A 294 6.14 -19.02 8.61
C LEU A 294 7.39 -19.79 8.24
N PRO A 295 7.93 -19.55 7.07
CA PRO A 295 9.15 -20.25 6.67
C PRO A 295 10.35 -19.94 7.56
N HIS A 296 11.07 -20.97 7.94
CA HIS A 296 12.23 -20.78 8.77
C HIS A 296 13.44 -20.26 7.99
N ASN A 297 14.44 -19.80 8.69
CA ASN A 297 15.62 -19.30 7.99
C ASN A 297 15.38 -18.17 7.02
N THR A 298 14.34 -17.40 7.24
CA THR A 298 13.95 -16.33 6.32
C THR A 298 13.68 -15.07 7.13
N LYS A 299 14.47 -14.04 6.86
CA LYS A 299 14.28 -12.76 7.52
C LYS A 299 12.88 -12.24 7.16
N ILE A 300 12.20 -11.66 8.14
CA ILE A 300 10.82 -11.17 7.93
C ILE A 300 10.62 -10.32 6.66
N PRO A 301 11.48 -9.32 6.43
CA PRO A 301 11.28 -8.49 5.24
C PRO A 301 11.49 -9.25 3.94
N GLN A 302 12.06 -10.46 3.99
CA GLN A 302 12.29 -11.31 2.81
C GLN A 302 11.18 -12.34 2.57
N ILE A 303 10.27 -12.50 3.52
CA ILE A 303 9.12 -13.41 3.32
C ILE A 303 8.23 -12.83 2.21
N PRO A 304 7.94 -13.65 1.17
CA PRO A 304 7.07 -13.15 0.10
C PRO A 304 5.70 -12.74 0.60
N ILE A 305 5.21 -11.62 0.10
CA ILE A 305 3.90 -11.14 0.45
C ILE A 305 3.27 -10.52 -0.80
N GLU A 306 2.07 -10.98 -1.13
CA GLU A 306 1.34 -10.50 -2.29
C GLU A 306 0.04 -9.89 -1.78
N SER A 307 -0.46 -8.88 -2.49
CA SER A 307 -1.74 -8.29 -2.18
C SER A 307 -2.32 -7.65 -3.44
N ASN A 308 -3.63 -7.44 -3.43
CA ASN A 308 -4.24 -6.57 -4.43
C ASN A 308 -4.02 -5.10 -4.12
N ALA A 309 -3.61 -4.80 -2.88
CA ALA A 309 -3.12 -3.46 -2.56
C ALA A 309 -1.58 -3.40 -2.69
N TYR A 310 -1.01 -2.19 -2.59
CA TYR A 310 0.39 -1.95 -2.92
C TYR A 310 1.16 -1.42 -1.72
N ILE A 311 0.50 -1.36 -0.58
CA ILE A 311 1.11 -0.81 0.66
C ILE A 311 1.00 -1.79 1.81
N VAL A 312 1.02 -3.08 1.50
CA VAL A 312 0.91 -4.12 2.52
C VAL A 312 2.30 -4.70 2.84
N GLY A 313 2.56 -5.02 4.10
CA GLY A 313 3.85 -5.67 4.41
C GLY A 313 3.84 -6.32 5.77
N LEU A 314 4.92 -7.04 6.05
CA LEU A 314 5.16 -7.66 7.37
C LEU A 314 6.27 -6.94 8.08
N VAL A 315 6.14 -6.87 9.40
CA VAL A 315 7.22 -6.29 10.20
C VAL A 315 7.27 -6.98 11.56
N LYS A 316 8.48 -7.33 12.01
CA LYS A 316 8.69 -7.94 13.33
C LYS A 316 8.48 -6.92 14.45
N ASN A 317 7.76 -7.34 15.49
CA ASN A 317 7.59 -6.53 16.69
C ASN A 317 7.70 -7.45 17.89
N LYS A 318 8.80 -7.29 18.62
CA LYS A 318 9.22 -8.29 19.61
C LYS A 318 9.30 -9.67 18.93
N GLN A 319 8.54 -10.64 19.42
CA GLN A 319 8.52 -11.96 18.80
C GLN A 319 7.30 -12.15 17.86
N GLU A 320 6.45 -11.14 17.78
CA GLU A 320 5.29 -11.22 16.86
C GLU A 320 5.67 -10.68 15.49
N VAL A 321 4.84 -10.98 14.49
CA VAL A 321 5.01 -10.40 13.17
C VAL A 321 3.70 -9.69 12.82
N PHE A 322 3.78 -8.38 12.59
CA PHE A 322 2.59 -7.58 12.29
C PHE A 322 2.31 -7.57 10.79
N LEU A 323 1.04 -7.75 10.43
CA LEU A 323 0.56 -7.54 9.07
C LEU A 323 0.03 -6.12 8.96
N LYS A 324 0.73 -5.32 8.16
CA LYS A 324 0.44 -3.89 8.05
C LYS A 324 -0.20 -3.60 6.69
N TYR A 325 -1.16 -2.69 6.70
CA TYR A 325 -1.72 -2.13 5.46
C TYR A 325 -1.59 -0.64 5.63
N GLY A 326 -0.58 -0.05 5.00
CA GLY A 326 -0.21 1.34 5.34
C GLY A 326 0.13 1.38 6.82
N ASN A 327 -0.48 2.32 7.53
CA ASN A 327 -0.30 2.43 9.00
C ASN A 327 -1.28 1.60 9.81
N LYS A 328 -2.15 0.87 9.14
CA LYS A 328 -3.16 0.08 9.84
C LYS A 328 -2.60 -1.30 10.21
N LEU A 329 -2.80 -1.70 11.47
CA LEU A 329 -2.41 -3.02 11.92
C LEU A 329 -3.58 -3.98 11.68
N MET A 330 -3.38 -4.95 10.78
CA MET A 330 -4.48 -5.85 10.36
C MET A 330 -4.58 -7.09 11.24
N THR A 331 -3.42 -7.60 11.65
CA THR A 331 -3.34 -8.68 12.66
C THR A 331 -1.91 -8.83 13.20
N ARG A 332 -1.79 -9.48 14.35
CA ARG A 332 -0.51 -9.78 14.94
C ARG A 332 -0.32 -11.28 14.83
N LEU A 333 0.64 -11.71 14.04
CA LEU A 333 0.93 -13.14 13.92
C LEU A 333 1.84 -13.57 15.06
N SER A 334 1.51 -14.71 15.67
CA SER A 334 2.39 -15.33 16.63
C SER A 334 2.96 -16.54 15.92
N PRO A 335 4.17 -16.42 15.36
CA PRO A 335 4.60 -17.42 14.41
C PRO A 335 5.22 -18.67 15.04
N PHE A 336 5.20 -19.75 14.29
CA PHE A 336 6.17 -20.78 14.53
C PHE A 336 6.87 -21.03 13.22
N TYR A 337 8.18 -21.14 13.32
CA TYR A 337 9.03 -21.22 12.16
C TYR A 337 9.29 -22.68 11.83
N ILE A 338 9.14 -23.01 10.55
CA ILE A 338 9.14 -24.42 10.11
C ILE A 338 9.55 -24.49 8.65
N GLU A 339 10.11 -25.62 8.25
CA GLU A 339 10.45 -25.83 6.86
C GLU A 339 9.16 -25.92 6.04
N PHE A 340 9.06 -25.10 5.00
CA PHE A 340 7.96 -25.17 4.04
C PHE A 340 8.38 -26.13 2.93
N ASP A 341 7.94 -27.38 3.05
CA ASP A 341 8.21 -28.42 2.05
C ASP A 341 7.17 -28.26 0.93
N PRO A 342 7.63 -27.94 -0.30
CA PRO A 342 6.71 -27.63 -1.38
C PRO A 342 6.19 -28.83 -2.19
N SER A 343 6.42 -30.05 -1.70
CA SER A 343 6.07 -31.26 -2.48
C SER A 343 4.56 -31.47 -2.67
N LEU A 344 3.78 -31.14 -1.66
CA LEU A 344 2.33 -31.33 -1.72
C LEU A 344 1.64 -30.23 -2.53
N GLU A 345 1.06 -30.61 -3.66
CA GLU A 345 0.45 -29.63 -4.56
C GLU A 345 -1.05 -29.53 -4.44
N GLU A 346 -1.69 -30.65 -4.13
CA GLU A 346 -3.13 -30.69 -4.00
C GLU A 346 -3.56 -31.83 -3.10
N VAL A 347 -4.80 -31.75 -2.62
CA VAL A 347 -5.33 -32.68 -1.63
C VAL A 347 -6.73 -33.08 -2.08
N LYS A 348 -7.04 -34.37 -1.99
CA LYS A 348 -8.36 -34.88 -2.29
C LYS A 348 -9.30 -34.55 -1.12
N MET A 349 -10.32 -33.75 -1.41
CA MET A 349 -11.29 -33.33 -0.39
C MET A 349 -12.70 -33.55 -0.92
N GLN A 350 -13.63 -33.78 -0.01
CA GLN A 350 -15.03 -33.80 -0.35
C GLN A 350 -15.59 -32.50 0.20
N ILE A 351 -16.28 -31.72 -0.63
CA ILE A 351 -16.88 -30.47 -0.22
C ILE A 351 -18.37 -30.52 -0.54
N ASP A 352 -19.19 -30.36 0.49
CA ASP A 352 -20.65 -30.46 0.36
C ASP A 352 -21.01 -31.69 -0.48
N ASN A 353 -20.53 -32.83 0.00
CA ASN A 353 -20.68 -34.15 -0.61
C ASN A 353 -20.06 -34.35 -2.01
N LYS A 354 -19.34 -33.33 -2.48
CA LYS A 354 -18.74 -33.37 -3.82
C LYS A 354 -17.23 -33.54 -3.73
N ASP A 355 -16.76 -34.72 -4.12
CA ASP A 355 -15.34 -35.05 -4.11
C ASP A 355 -14.60 -34.22 -5.16
N GLN A 356 -13.41 -33.76 -4.82
CA GLN A 356 -12.59 -32.95 -5.73
C GLN A 356 -11.14 -32.83 -5.28
N MET A 357 -10.28 -32.36 -6.18
CA MET A 357 -8.90 -32.05 -5.82
C MET A 357 -8.84 -30.57 -5.48
N VAL A 358 -8.23 -30.25 -4.32
CA VAL A 358 -8.11 -28.86 -3.88
C VAL A 358 -6.63 -28.47 -3.83
N LYS A 359 -6.26 -27.39 -4.52
CA LYS A 359 -4.85 -26.99 -4.53
C LYS A 359 -4.42 -26.48 -3.17
N ILE A 360 -3.24 -26.89 -2.72
CA ILE A 360 -2.63 -26.28 -1.53
C ILE A 360 -2.57 -24.77 -1.79
N GLY A 361 -2.87 -23.99 -0.76
CA GLY A 361 -2.91 -22.54 -0.91
C GLY A 361 -4.26 -21.97 -1.33
N SER A 362 -5.26 -22.84 -1.49
CA SER A 362 -6.62 -22.43 -1.88
C SER A 362 -7.47 -21.98 -0.72
N VAL A 363 -8.49 -21.21 -1.06
CA VAL A 363 -9.63 -20.97 -0.18
C VAL A 363 -10.83 -21.69 -0.78
N VAL A 364 -11.50 -22.54 -0.01
CA VAL A 364 -12.69 -23.23 -0.52
C VAL A 364 -13.92 -22.88 0.26
N GLU A 365 -15.03 -22.64 -0.44
CA GLU A 365 -16.28 -22.23 0.20
C GLU A 365 -17.09 -23.48 0.56
N VAL A 366 -17.62 -23.52 1.78
CA VAL A 366 -18.34 -24.69 2.28
C VAL A 366 -19.72 -24.25 2.75
N LYS A 367 -20.76 -24.86 2.18
CA LYS A 367 -22.12 -24.59 2.62
C LYS A 367 -22.55 -25.44 3.83
N GLU A 368 -22.08 -26.69 3.87
CA GLU A 368 -22.58 -27.68 4.83
C GLU A 368 -21.49 -28.50 5.53
N SER A 369 -20.64 -29.14 4.74
CA SER A 369 -19.62 -30.04 5.29
C SER A 369 -18.39 -30.17 4.41
N PHE A 370 -17.31 -30.63 5.00
CA PHE A 370 -16.18 -31.14 4.21
C PHE A 370 -15.57 -32.38 4.86
N TYR A 371 -14.73 -33.06 4.09
CA TYR A 371 -14.07 -34.29 4.50
C TYR A 371 -12.76 -34.39 3.75
N ILE A 372 -11.68 -34.64 4.48
CA ILE A 372 -10.37 -34.75 3.87
C ILE A 372 -10.05 -36.24 3.73
N HIS A 373 -9.77 -36.70 2.50
CA HIS A 373 -9.42 -38.11 2.31
C HIS A 373 -8.05 -38.38 2.86
N ALA A 374 -7.87 -39.54 3.50
CA ALA A 374 -6.58 -39.89 4.10
C ALA A 374 -5.45 -39.95 3.05
N MET A 375 -4.25 -39.58 3.47
CA MET A 375 -3.07 -39.59 2.61
C MET A 375 -1.93 -40.32 3.26
N ASP A 376 -1.18 -41.08 2.45
CA ASP A 376 0.08 -41.65 2.89
C ASP A 376 1.02 -40.49 3.15
N ASN A 377 1.68 -40.53 4.29
CA ASN A 377 2.77 -39.60 4.62
C ASN A 377 2.36 -38.17 4.99
N ILE A 378 1.08 -37.83 4.83
CA ILE A 378 0.60 -36.47 5.15
C ILE A 378 -0.43 -36.50 6.26
N ARG A 379 -0.23 -35.64 7.26
CA ARG A 379 -1.12 -35.47 8.40
C ARG A 379 -1.88 -34.14 8.23
N ALA A 380 -3.18 -34.12 8.48
CA ALA A 380 -3.98 -32.90 8.41
C ALA A 380 -4.43 -32.46 9.79
N ASN A 381 -4.17 -31.20 10.12
CA ASN A 381 -4.71 -30.64 11.35
C ASN A 381 -5.68 -29.53 10.97
N VAL A 382 -6.97 -29.80 11.18
CA VAL A 382 -8.01 -28.79 11.02
C VAL A 382 -8.01 -27.93 12.29
N ILE A 383 -7.64 -26.65 12.17
CA ILE A 383 -7.48 -25.78 13.33
C ILE A 383 -8.83 -25.28 13.83
N GLY A 384 -9.21 -25.75 15.01
CA GLY A 384 -10.55 -25.48 15.52
C GLY A 384 -11.41 -26.70 15.67
N PHE A 385 -10.96 -27.79 15.04
CA PHE A 385 -11.63 -29.08 15.15
C PHE A 385 -10.71 -30.05 15.87
N SER A 386 -11.29 -30.87 16.74
CA SER A 386 -10.51 -31.89 17.43
C SER A 386 -11.38 -33.07 17.84
N VAL A 387 -10.75 -34.23 17.93
CA VAL A 387 -11.43 -35.45 18.43
C VAL A 387 -10.71 -36.03 19.64
N SER A 388 -9.57 -35.44 19.99
CA SER A 388 -8.78 -35.84 21.15
C SER A 388 -7.88 -34.69 21.58
N ASN A 389 -7.06 -34.93 22.61
CA ASN A 389 -6.08 -33.95 23.06
C ASN A 389 -4.68 -34.18 22.51
N GLU A 390 -4.57 -35.05 21.50
CA GLU A 390 -3.30 -35.30 20.80
C GLU A 390 -2.68 -34.00 20.30
N ASN A 391 -1.38 -33.84 20.55
CA ASN A 391 -0.67 -32.62 20.17
C ASN A 391 -0.39 -32.48 18.68
N LYS A 392 -0.17 -33.62 18.01
CA LYS A 392 0.03 -33.64 16.56
C LYS A 392 -1.00 -34.56 15.88
N PRO A 393 -2.28 -34.11 15.82
CA PRO A 393 -3.37 -34.99 15.37
C PRO A 393 -3.43 -35.19 13.85
N ASN A 394 -4.06 -36.29 13.42
CA ASN A 394 -4.43 -36.47 12.01
C ASN A 394 -5.94 -36.49 11.94
N GLU A 395 -6.47 -35.49 11.25
CA GLU A 395 -7.90 -35.28 11.21
C GLU A 395 -8.45 -35.46 9.80
N ALA A 396 -7.65 -36.07 8.94
CA ALA A 396 -8.21 -36.64 7.70
C ALA A 396 -9.19 -37.75 8.09
N GLY A 397 -10.21 -37.97 7.26
CA GLY A 397 -11.14 -39.08 7.52
C GLY A 397 -12.28 -38.74 8.46
N TYR A 398 -12.51 -37.46 8.68
CA TYR A 398 -13.66 -36.98 9.45
C TYR A 398 -14.56 -36.08 8.61
N THR A 399 -15.86 -36.31 8.70
CA THR A 399 -16.85 -35.43 8.11
C THR A 399 -17.10 -34.29 9.08
N ILE A 400 -16.75 -33.07 8.63
CA ILE A 400 -16.70 -31.91 9.52
C ILE A 400 -17.69 -30.85 9.07
N LYS A 401 -18.49 -30.38 10.04
CA LYS A 401 -19.48 -29.31 9.82
C LYS A 401 -19.17 -28.10 10.73
N PHE A 402 -19.88 -27.00 10.51
CA PHE A 402 -19.68 -25.76 11.26
C PHE A 402 -19.79 -25.97 12.77
N LYS A 403 -20.80 -26.74 13.19
CA LYS A 403 -21.03 -27.04 14.60
C LYS A 403 -19.87 -27.77 15.29
N ASP A 404 -18.99 -28.38 14.49
CA ASP A 404 -17.84 -29.11 15.04
C ASP A 404 -16.65 -28.20 15.40
N PHE A 405 -16.73 -26.92 15.03
CA PHE A 405 -15.63 -25.98 15.29
C PHE A 405 -15.73 -25.22 16.62
N GLN A 406 -14.60 -25.11 17.31
CA GLN A 406 -14.47 -24.15 18.42
C GLN A 406 -14.18 -22.82 17.71
N LYS A 407 -15.17 -21.92 17.75
CA LYS A 407 -15.19 -20.69 16.91
C LYS A 407 -14.03 -19.76 17.18
N ARG A 408 -13.50 -19.81 18.40
CA ARG A 408 -12.35 -19.01 18.83
C ARG A 408 -11.10 -19.22 17.95
N PHE A 409 -11.07 -20.33 17.21
CA PHE A 409 -9.92 -20.66 16.36
C PHE A 409 -10.06 -20.11 14.94
N SER A 410 -11.19 -19.48 14.62
CA SER A 410 -11.38 -18.88 13.28
C SER A 410 -10.31 -17.80 13.00
N LEU A 411 -9.99 -17.66 11.72
CA LEU A 411 -9.08 -16.64 11.23
C LEU A 411 -9.72 -15.26 11.35
N ASP A 412 -11.04 -15.24 11.23
CA ASP A 412 -11.82 -14.00 11.09
C ASP A 412 -12.70 -13.69 12.29
N LYS A 413 -13.00 -12.41 12.46
CA LYS A 413 -13.88 -11.98 13.53
C LYS A 413 -15.29 -12.55 13.34
N GLN A 414 -15.67 -12.82 12.09
CA GLN A 414 -17.00 -13.36 11.74
C GLN A 414 -17.15 -14.87 12.01
N GLU A 415 -16.06 -15.50 12.42
CA GLU A 415 -16.05 -16.92 12.83
C GLU A 415 -16.44 -17.91 11.69
N ARG A 416 -16.16 -17.52 10.45
CA ARG A 416 -16.50 -18.32 9.27
C ARG A 416 -15.31 -19.01 8.57
N ILE A 417 -14.09 -18.53 8.84
CA ILE A 417 -12.90 -19.01 8.09
C ILE A 417 -11.96 -19.81 8.99
N TYR A 418 -11.61 -21.04 8.57
CA TYR A 418 -10.76 -21.91 9.38
C TYR A 418 -9.58 -22.47 8.58
N ARG A 419 -8.46 -22.66 9.27
CA ARG A 419 -7.23 -23.16 8.65
C ARG A 419 -7.21 -24.68 8.67
N ILE A 420 -6.80 -25.29 7.56
CA ILE A 420 -6.39 -26.69 7.55
C ILE A 420 -4.90 -26.71 7.24
N GLU A 421 -4.13 -27.30 8.16
CA GLU A 421 -2.69 -27.36 7.99
C GLU A 421 -2.22 -28.78 7.78
N PHE A 422 -1.30 -28.93 6.83
CA PHE A 422 -0.80 -30.24 6.41
C PHE A 422 0.67 -30.38 6.73
N TYR A 423 1.05 -31.56 7.22
CA TYR A 423 2.41 -31.78 7.69
C TYR A 423 2.95 -33.09 7.15
N LYS A 424 4.23 -33.07 6.77
CA LYS A 424 4.93 -34.26 6.33
C LYS A 424 6.12 -34.40 7.27
N ASN A 425 6.04 -35.40 8.15
CA ASN A 425 6.97 -35.51 9.28
C ASN A 425 6.99 -34.20 10.08
N ASN A 426 8.17 -33.60 10.22
CA ASN A 426 8.30 -32.35 10.96
C ASN A 426 8.30 -31.09 10.08
N ALA A 427 7.95 -31.25 8.81
CA ALA A 427 7.85 -30.13 7.86
C ALA A 427 6.40 -29.75 7.60
N PHE A 428 6.21 -28.48 7.22
CA PHE A 428 4.90 -27.95 6.87
C PHE A 428 4.67 -28.11 5.36
N SER A 429 3.60 -28.83 5.01
CA SER A 429 3.27 -29.13 3.62
C SER A 429 2.28 -28.16 2.98
N GLY A 430 1.69 -27.27 3.80
CA GLY A 430 0.81 -26.23 3.23
C GLY A 430 -0.49 -26.05 3.99
N MET A 431 -1.25 -25.06 3.55
CA MET A 431 -2.50 -24.69 4.19
C MET A 431 -3.60 -24.49 3.16
N ILE A 432 -4.83 -24.88 3.52
CA ILE A 432 -6.02 -24.59 2.75
C ILE A 432 -6.98 -23.91 3.74
N LEU A 433 -7.68 -22.86 3.31
CA LEU A 433 -8.73 -22.31 4.18
C LEU A 433 -10.09 -22.81 3.73
N VAL A 434 -10.94 -23.08 4.72
CA VAL A 434 -12.37 -23.29 4.46
C VAL A 434 -13.13 -22.06 4.92
N LYS A 435 -14.06 -21.59 4.11
CA LYS A 435 -14.93 -20.49 4.49
C LYS A 435 -16.36 -20.97 4.49
N PHE A 436 -17.00 -20.97 5.66
CA PHE A 436 -18.41 -21.35 5.74
C PHE A 436 -19.28 -20.18 5.28
N VAL A 437 -20.08 -20.44 4.25
CA VAL A 437 -20.94 -19.43 3.61
C VAL A 437 -22.42 -19.76 3.81
#